data_4LTW
#
_entry.id   4LTW
#
_cell.length_a   53.920
_cell.length_b   74.950
_cell.length_c   95.694
_cell.angle_alpha   90.00
_cell.angle_beta   90.00
_cell.angle_gamma   90.00
#
_symmetry.space_group_name_H-M   'P 21 21 21'
#
loop_
_entity.id
_entity.type
_entity.pdbx_description
1 polymer 'Ancestral Steroid Receptor 2'
2 non-polymer PROGESTERONE
3 non-polymer '11-(4-DIMETHYLAMINO-PHENYL)-17-HYDROXY-13-METHYL-17-PROP-1-YNYL-1,2,6,7,8,11,12,13,14,15,16,17-DODEC AHYDRO-CYCLOPENTA[A]PHENANTHREN-3-ONE'
4 non-polymer 'SULFATE ION'
5 non-polymer GLYCEROL
6 water water
#
_entity_poly.entity_id   1
_entity_poly.type   'polypeptide(L)'
_entity_poly.pdbx_seq_one_letter_code
;SNAPSLISILQAIEPEVVYAGYDNTQPDTTNYLLSSLNRLAEKQLVSVVKWAKALPGFRNLHLDDQMTLIQYSWMGLMAF
AMGWRSYKHTNGQMLYFAPDLIFNEQRMQQSAMYDLCQGMQQISQEFVRLQVTQEEFLCMKALLLLSTVPKEGLKSQASF
DEMRMNYIKELNRAIAKKENNSAQNWQRFYQLTKLLDSMHDLVGGLLQFCFYTFVQSQALSVEFPEMLVEIISAQLPKVL
AGMAKPLLFHKK
;
_entity_poly.pdbx_strand_id   A
#
loop_
_chem_comp.id
_chem_comp.type
_chem_comp.name
_chem_comp.formula
486 non-polymer '11-(4-DIMETHYLAMINO-PHENYL)-17-HYDROXY-13-METHYL-17-PROP-1-YNYL-1,2,6,7,8,11,12,13,14,15,16,17-DODEC AHYDRO-CYCLOPENTA[A]PHENANTHREN-3-ONE' 'C29 H35 N O2'
GOL non-polymer GLYCEROL 'C3 H8 O3'
SO4 non-polymer 'SULFATE ION' 'O4 S -2'
STR non-polymer PROGESTERONE 'C21 H30 O2'
#
# COMPACT_ATOMS: atom_id res chain seq x y z
N SER A 1 17.88 -21.25 -8.39
CA SER A 1 16.93 -22.07 -9.19
C SER A 1 16.42 -23.33 -8.47
N ASN A 2 17.33 -24.07 -7.83
CA ASN A 2 16.93 -24.87 -6.66
C ASN A 2 16.92 -23.99 -5.38
N ALA A 3 17.39 -22.74 -5.45
CA ALA A 3 17.22 -21.77 -4.35
C ALA A 3 15.75 -21.62 -4.04
N PRO A 4 15.39 -21.41 -2.75
CA PRO A 4 14.01 -21.07 -2.39
C PRO A 4 13.52 -19.90 -3.21
N SER A 5 12.33 -20.04 -3.75
CA SER A 5 11.75 -19.02 -4.59
C SER A 5 11.51 -17.73 -3.82
N LEU A 6 11.49 -16.64 -4.56
CA LEU A 6 11.22 -15.32 -4.03
C LEU A 6 9.83 -15.33 -3.39
N ILE A 7 8.89 -15.96 -4.06
CA ILE A 7 7.55 -16.12 -3.50
C ILE A 7 7.57 -16.80 -2.12
N SER A 8 8.36 -17.85 -1.94
CA SER A 8 8.33 -18.56 -0.67
C SER A 8 8.87 -17.63 0.44
N ILE A 9 9.80 -16.77 0.10
CA ILE A 9 10.34 -15.80 1.04
C ILE A 9 9.30 -14.75 1.37
N LEU A 10 8.60 -14.26 0.34
CA LEU A 10 7.60 -13.22 0.57
C LEU A 10 6.51 -13.77 1.47
N GLN A 11 6.22 -15.06 1.33
CA GLN A 11 5.22 -15.70 2.16
C GLN A 11 5.72 -15.78 3.60
N ALA A 12 7.01 -16.08 3.77
CA ALA A 12 7.56 -16.20 5.12
C ALA A 12 7.60 -14.84 5.86
N ILE A 13 7.84 -13.76 5.14
CA ILE A 13 8.03 -12.45 5.81
C ILE A 13 6.78 -11.61 5.86
N GLU A 14 5.66 -12.14 5.38
CA GLU A 14 4.46 -11.32 5.28
C GLU A 14 3.97 -11.03 6.72
N PRO A 15 3.79 -9.74 7.07
CA PRO A 15 3.44 -9.43 8.46
C PRO A 15 2.10 -10.02 8.89
N GLU A 16 1.95 -10.28 10.16
CA GLU A 16 0.64 -10.66 10.70
C GLU A 16 -0.26 -9.44 10.79
N VAL A 17 -1.56 -9.64 10.87
CA VAL A 17 -2.46 -8.49 10.84
C VAL A 17 -2.33 -7.69 12.12
N VAL A 18 -2.45 -6.39 11.96
CA VAL A 18 -2.31 -5.41 13.01
C VAL A 18 -3.70 -5.04 13.48
N TYR A 19 -3.89 -5.11 14.80
CA TYR A 19 -5.08 -4.59 15.49
C TYR A 19 -5.01 -3.09 15.74
N ALA A 20 -6.15 -2.42 15.58
CA ALA A 20 -6.26 -0.99 15.78
C ALA A 20 -6.24 -0.58 17.26
N GLY A 21 -6.83 -1.39 18.14
CA GLY A 21 -7.02 -0.99 19.53
C GLY A 21 -8.20 -0.02 19.64
N TYR A 22 -9.21 -0.26 18.84
CA TYR A 22 -10.32 0.66 18.71
C TYR A 22 -11.38 0.21 19.67
N ASP A 23 -12.07 1.18 20.27
CA ASP A 23 -13.21 0.93 21.13
C ASP A 23 -14.51 1.05 20.35
N ASN A 24 -15.08 -0.08 19.97
CA ASN A 24 -16.27 -0.07 19.12
C ASN A 24 -17.55 0.35 19.80
N THR A 25 -17.51 0.58 21.12
CA THR A 25 -18.68 1.09 21.84
C THR A 25 -18.84 2.61 21.72
N GLN A 26 -17.76 3.30 21.30
CA GLN A 26 -17.86 4.74 21.10
C GLN A 26 -18.78 5.07 19.95
N PRO A 27 -19.42 6.25 20.01
CA PRO A 27 -20.15 6.60 18.79
C PRO A 27 -19.18 6.82 17.61
N ASP A 28 -19.72 6.68 16.41
CA ASP A 28 -19.00 6.98 15.19
C ASP A 28 -18.91 8.51 15.03
N THR A 29 -17.72 9.06 15.25
CA THR A 29 -17.49 10.50 15.07
C THR A 29 -16.18 10.73 14.29
N THR A 30 -16.13 11.85 13.57
CA THR A 30 -15.01 12.14 12.69
C THR A 30 -13.64 12.10 13.38
N ASN A 31 -13.48 12.77 14.50
CA ASN A 31 -12.13 12.85 15.05
C ASN A 31 -11.71 11.58 15.78
N TYR A 32 -12.66 10.82 16.34
CA TYR A 32 -12.28 9.56 16.93
C TYR A 32 -11.99 8.53 15.81
N LEU A 33 -12.76 8.53 14.71
CA LEU A 33 -12.43 7.63 13.60
C LEU A 33 -11.05 7.99 13.01
N LEU A 34 -10.81 9.28 12.75
CA LEU A 34 -9.57 9.65 12.06
C LEU A 34 -8.38 9.47 12.97
N SER A 35 -8.54 9.80 14.25
CA SER A 35 -7.41 9.62 15.19
C SER A 35 -7.10 8.14 15.33
N SER A 36 -8.13 7.30 15.26
CA SER A 36 -7.89 5.87 15.45
C SER A 36 -7.23 5.29 14.19
N LEU A 37 -7.65 5.73 13.01
CA LEU A 37 -6.94 5.29 11.81
C LEU A 37 -5.45 5.69 11.86
N ASN A 38 -5.14 6.85 12.40
CA ASN A 38 -3.74 7.32 12.50
C ASN A 38 -2.91 6.47 13.50
N ARG A 39 -3.56 6.03 14.58
CA ARG A 39 -2.93 5.14 15.55
C ARG A 39 -2.68 3.78 14.85
N LEU A 40 -3.67 3.29 14.09
CA LEU A 40 -3.46 2.09 13.27
C LEU A 40 -2.31 2.27 12.26
N ALA A 41 -2.28 3.42 11.58
CA ALA A 41 -1.22 3.72 10.62
C ALA A 41 0.16 3.66 11.26
N GLU A 42 0.24 4.15 12.49
CA GLU A 42 1.51 4.10 13.24
C GLU A 42 1.96 2.63 13.44
N LYS A 43 1.04 1.74 13.77
CA LYS A 43 1.43 0.35 13.98
C LYS A 43 1.74 -0.34 12.65
N GLN A 44 0.96 -0.04 11.61
CA GLN A 44 1.25 -0.62 10.30
C GLN A 44 2.60 -0.12 9.77
N LEU A 45 2.99 1.08 10.16
CA LEU A 45 4.23 1.66 9.65
C LEU A 45 5.43 0.90 10.19
N VAL A 46 5.43 0.55 11.46
CA VAL A 46 6.52 -0.30 11.94
C VAL A 46 6.53 -1.67 11.24
N SER A 47 5.35 -2.27 10.99
CA SER A 47 5.24 -3.52 10.23
C SER A 47 5.81 -3.42 8.82
N VAL A 48 5.48 -2.34 8.12
CA VAL A 48 5.95 -2.10 6.78
C VAL A 48 7.46 -1.93 6.73
N VAL A 49 8.01 -1.19 7.68
CA VAL A 49 9.45 -0.98 7.69
C VAL A 49 10.14 -2.31 7.91
N LYS A 50 9.63 -3.11 8.85
CA LYS A 50 10.24 -4.40 9.14
C LYS A 50 10.15 -5.34 7.93
N TRP A 51 9.00 -5.35 7.27
CA TRP A 51 8.84 -6.14 6.06
C TRP A 51 9.78 -5.66 4.96
N ALA A 52 9.89 -4.35 4.77
CA ALA A 52 10.73 -3.83 3.69
C ALA A 52 12.21 -4.23 3.87
N LYS A 53 12.69 -4.22 5.11
CA LYS A 53 14.09 -4.58 5.40
C LYS A 53 14.41 -6.06 5.08
N ALA A 54 13.40 -6.93 5.14
CA ALA A 54 13.57 -8.36 4.84
C ALA A 54 13.31 -8.67 3.36
N LEU A 55 12.82 -7.70 2.62
CA LEU A 55 12.52 -7.94 1.22
C LEU A 55 13.80 -8.21 0.46
N PRO A 56 13.93 -9.39 -0.18
CA PRO A 56 15.22 -9.65 -0.83
C PRO A 56 15.58 -8.56 -1.86
N GLY A 57 16.81 -8.08 -1.81
CA GLY A 57 17.28 -6.98 -2.64
C GLY A 57 17.24 -5.59 -1.99
N PHE A 58 16.34 -5.37 -1.05
CA PHE A 58 16.10 -4.00 -0.54
C PHE A 58 17.28 -3.44 0.26
N ARG A 59 17.83 -4.26 1.16
CA ARG A 59 19.00 -3.86 1.94
C ARG A 59 20.25 -3.61 1.06
N ASN A 60 20.26 -4.09 -0.18
CA ASN A 60 21.36 -3.77 -1.12
C ASN A 60 21.29 -2.35 -1.69
N LEU A 61 20.14 -1.70 -1.51
CA LEU A 61 20.01 -0.30 -1.91
C LEU A 61 20.74 0.61 -0.91
N HIS A 62 21.17 1.79 -1.36
CA HIS A 62 21.69 2.80 -0.45
C HIS A 62 20.64 3.10 0.58
N LEU A 63 21.07 3.39 1.81
CA LEU A 63 20.16 3.74 2.89
C LEU A 63 19.22 4.93 2.59
N ASP A 64 19.72 5.93 1.88
CA ASP A 64 18.87 7.03 1.44
C ASP A 64 17.83 6.60 0.38
N ASP A 65 18.16 5.61 -0.44
CA ASP A 65 17.16 5.03 -1.36
C ASP A 65 16.08 4.29 -0.58
N GLN A 66 16.49 3.52 0.41
CA GLN A 66 15.57 2.77 1.26
C GLN A 66 14.58 3.69 1.95
N MET A 67 15.09 4.74 2.58
CA MET A 67 14.22 5.68 3.27
C MET A 67 13.29 6.44 2.31
N THR A 68 13.81 6.83 1.15
CA THR A 68 13.02 7.52 0.14
C THR A 68 11.91 6.64 -0.38
N LEU A 69 12.20 5.39 -0.70
CA LEU A 69 11.17 4.49 -1.21
C LEU A 69 10.03 4.32 -0.19
N ILE A 70 10.40 4.12 1.07
CA ILE A 70 9.46 4.10 2.17
C ILE A 70 8.60 5.37 2.31
N GLN A 71 9.24 6.55 2.30
CA GLN A 71 8.50 7.81 2.33
C GLN A 71 7.51 7.98 1.20
N TYR A 72 7.91 7.55 0.01
CA TYR A 72 7.05 7.70 -1.15
C TYR A 72 5.95 6.63 -1.23
N SER A 73 6.15 5.47 -0.62
CA SER A 73 5.25 4.30 -0.78
C SER A 73 4.34 3.92 0.37
N TRP A 74 4.52 4.51 1.55
CA TRP A 74 3.84 4.01 2.73
C TRP A 74 2.31 4.06 2.52
N MET A 75 1.77 5.16 2.02
CA MET A 75 0.32 5.29 1.84
C MET A 75 -0.21 4.25 0.87
N GLY A 76 0.48 4.06 -0.25
CA GLY A 76 0.09 3.10 -1.24
C GLY A 76 0.12 1.66 -0.78
N LEU A 77 1.16 1.30 -0.02
CA LEU A 77 1.29 -0.02 0.51
C LEU A 77 0.15 -0.32 1.48
N MET A 78 -0.12 0.60 2.41
CA MET A 78 -1.19 0.39 3.34
C MET A 78 -2.56 0.37 2.65
N ALA A 79 -2.75 1.22 1.64
CA ALA A 79 -3.99 1.22 0.88
C ALA A 79 -4.19 -0.08 0.07
N PHE A 80 -3.11 -0.58 -0.49
CA PHE A 80 -3.16 -1.80 -1.29
C PHE A 80 -3.48 -3.01 -0.43
N ALA A 81 -2.80 -3.17 0.72
CA ALA A 81 -3.11 -4.25 1.69
C ALA A 81 -4.53 -4.17 2.23
N MET A 82 -5.05 -2.97 2.40
N MET A 82 -5.02 -2.95 2.38
CA MET A 82 -6.45 -2.81 2.80
CA MET A 82 -6.40 -2.67 2.75
C MET A 82 -7.42 -3.31 1.72
C MET A 82 -7.40 -3.24 1.73
N GLY A 83 -7.10 -3.04 0.45
CA GLY A 83 -7.88 -3.59 -0.65
C GLY A 83 -7.89 -5.12 -0.60
N TRP A 84 -6.74 -5.70 -0.33
CA TRP A 84 -6.63 -7.15 -0.17
C TRP A 84 -7.43 -7.68 1.01
N ARG A 85 -7.22 -7.12 2.20
CA ARG A 85 -7.98 -7.56 3.37
C ARG A 85 -9.49 -7.38 3.20
N SER A 86 -9.91 -6.33 2.50
CA SER A 86 -11.33 -6.08 2.33
C SER A 86 -11.91 -7.13 1.43
N TYR A 87 -11.15 -7.50 0.40
CA TYR A 87 -11.51 -8.59 -0.47
C TYR A 87 -11.62 -9.93 0.27
N LYS A 88 -10.61 -10.29 1.02
CA LYS A 88 -10.62 -11.59 1.67
C LYS A 88 -11.59 -11.71 2.81
N HIS A 89 -11.84 -10.61 3.50
CA HIS A 89 -12.65 -10.69 4.70
C HIS A 89 -14.08 -10.24 4.51
N THR A 90 -14.35 -9.44 3.49
CA THR A 90 -15.72 -8.93 3.30
C THR A 90 -16.18 -8.91 1.86
N ASN A 91 -15.47 -9.60 0.99
CA ASN A 91 -15.74 -9.59 -0.44
C ASN A 91 -15.89 -8.19 -1.00
N GLY A 92 -15.07 -7.27 -0.51
CA GLY A 92 -15.11 -5.91 -1.00
C GLY A 92 -16.29 -5.03 -0.59
N GLN A 93 -17.11 -5.48 0.36
CA GLN A 93 -18.32 -4.73 0.76
C GLN A 93 -18.04 -3.71 1.84
N MET A 94 -17.01 -3.95 2.63
CA MET A 94 -16.62 -3.04 3.70
C MET A 94 -15.10 -2.82 3.70
N LEU A 95 -14.64 -1.77 4.36
CA LEU A 95 -13.21 -1.47 4.45
C LEU A 95 -12.67 -2.12 5.73
N TYR A 96 -11.90 -3.17 5.56
CA TYR A 96 -11.33 -3.92 6.68
C TYR A 96 -9.98 -3.35 7.10
N PHE A 97 -10.02 -2.21 7.78
CA PHE A 97 -8.80 -1.57 8.24
C PHE A 97 -8.06 -2.47 9.21
N ALA A 98 -8.81 -3.06 10.14
CA ALA A 98 -8.27 -4.01 11.11
C ALA A 98 -9.46 -4.89 11.60
N PRO A 99 -9.17 -6.03 12.25
CA PRO A 99 -10.30 -6.89 12.69
C PRO A 99 -11.26 -6.13 13.65
N ASP A 100 -10.72 -5.12 14.33
CA ASP A 100 -11.49 -4.34 15.30
C ASP A 100 -11.84 -2.95 14.78
N LEU A 101 -11.55 -2.69 13.51
CA LEU A 101 -11.90 -1.42 12.93
C LEU A 101 -12.32 -1.65 11.47
N ILE A 102 -13.59 -1.99 11.29
CA ILE A 102 -14.18 -2.22 9.99
C ILE A 102 -15.16 -1.09 9.67
N PHE A 103 -15.03 -0.50 8.49
CA PHE A 103 -15.90 0.63 8.11
C PHE A 103 -17.05 0.09 7.28
N ASN A 104 -18.24 0.40 7.74
CA ASN A 104 -19.46 0.25 6.95
C ASN A 104 -19.83 1.63 6.37
N GLU A 105 -21.03 1.75 5.82
CA GLU A 105 -21.48 2.99 5.15
C GLU A 105 -21.52 4.16 6.12
N GLN A 106 -22.08 3.95 7.30
CA GLN A 106 -22.13 4.99 8.30
C GLN A 106 -20.76 5.53 8.69
N ARG A 107 -19.79 4.64 8.90
CA ARG A 107 -18.46 5.08 9.27
C ARG A 107 -17.76 5.78 8.12
N MET A 108 -17.96 5.31 6.89
CA MET A 108 -17.36 6.01 5.76
C MET A 108 -17.90 7.45 5.69
N GLN A 109 -19.20 7.61 5.94
CA GLN A 109 -19.81 8.94 5.91
C GLN A 109 -19.28 9.80 7.05
N GLN A 110 -19.26 9.26 8.27
CA GLN A 110 -18.77 10.04 9.43
C GLN A 110 -17.26 10.32 9.39
N SER A 111 -16.52 9.64 8.52
CA SER A 111 -15.08 9.81 8.42
C SER A 111 -14.68 11.15 7.76
N ALA A 112 -15.62 11.79 7.05
CA ALA A 112 -15.40 13.05 6.31
C ALA A 112 -14.57 12.81 5.04
N MET A 113 -14.27 11.56 4.73
CA MET A 113 -13.57 11.26 3.48
C MET A 113 -14.32 10.16 2.71
N TYR A 114 -15.62 10.36 2.57
CA TYR A 114 -16.50 9.36 1.98
C TYR A 114 -16.08 8.98 0.56
N ASP A 115 -15.85 9.98 -0.28
CA ASP A 115 -15.40 9.72 -1.66
C ASP A 115 -14.10 8.93 -1.70
N LEU A 116 -13.15 9.27 -0.84
CA LEU A 116 -11.94 8.47 -0.78
C LEU A 116 -12.21 7.03 -0.29
N CYS A 117 -13.15 6.87 0.64
CA CYS A 117 -13.48 5.53 1.10
C CYS A 117 -14.01 4.74 -0.09
N GLN A 118 -14.74 5.42 -0.96
CA GLN A 118 -15.29 4.76 -2.12
C GLN A 118 -14.18 4.38 -3.08
N GLY A 119 -13.19 5.24 -3.21
CA GLY A 119 -12.02 4.95 -4.02
C GLY A 119 -11.37 3.68 -3.53
N MET A 120 -11.23 3.55 -2.22
CA MET A 120 -10.52 2.43 -1.61
C MET A 120 -11.32 1.15 -1.78
N GLN A 121 -12.63 1.28 -1.75
CA GLN A 121 -13.51 0.15 -1.95
C GLN A 121 -13.48 -0.30 -3.42
N GLN A 122 -13.29 0.64 -4.35
CA GLN A 122 -13.20 0.24 -5.77
C GLN A 122 -11.96 -0.59 -6.04
N ILE A 123 -10.87 -0.29 -5.35
CA ILE A 123 -9.72 -1.16 -5.44
C ILE A 123 -10.09 -2.57 -4.94
N SER A 124 -10.79 -2.62 -3.83
CA SER A 124 -11.10 -3.93 -3.26
C SER A 124 -12.00 -4.72 -4.20
N GLN A 125 -12.93 -4.02 -4.85
CA GLN A 125 -13.81 -4.69 -5.79
C GLN A 125 -13.07 -5.16 -7.05
N GLU A 126 -11.95 -4.54 -7.38
CA GLU A 126 -11.12 -5.05 -8.49
C GLU A 126 -10.35 -6.31 -8.06
N PHE A 127 -9.87 -6.36 -6.82
CA PHE A 127 -9.35 -7.64 -6.31
C PHE A 127 -10.40 -8.76 -6.45
N VAL A 128 -11.63 -8.45 -6.06
CA VAL A 128 -12.73 -9.43 -6.11
C VAL A 128 -12.96 -9.86 -7.56
N ARG A 129 -13.03 -8.88 -8.47
CA ARG A 129 -13.32 -9.17 -9.88
C ARG A 129 -12.24 -10.07 -10.49
N LEU A 130 -10.97 -9.80 -10.19
CA LEU A 130 -9.89 -10.62 -10.73
C LEU A 130 -9.64 -11.89 -9.95
N GLN A 131 -10.23 -11.99 -8.75
CA GLN A 131 -9.92 -13.05 -7.81
C GLN A 131 -8.39 -13.18 -7.63
N VAL A 132 -7.74 -12.09 -7.27
CA VAL A 132 -6.30 -12.10 -7.08
C VAL A 132 -5.89 -13.18 -6.09
N THR A 133 -4.81 -13.89 -6.40
CA THR A 133 -4.30 -14.95 -5.54
C THR A 133 -3.27 -14.39 -4.57
N GLN A 134 -3.00 -15.15 -3.52
CA GLN A 134 -2.09 -14.70 -2.48
C GLN A 134 -0.72 -14.46 -3.08
N GLU A 135 -0.27 -15.36 -3.94
CA GLU A 135 1.04 -15.20 -4.60
C GLU A 135 1.12 -13.96 -5.49
N GLU A 136 0.07 -13.69 -6.24
CA GLU A 136 0.04 -12.47 -7.05
C GLU A 136 0.12 -11.24 -6.15
N PHE A 137 -0.70 -11.21 -5.11
CA PHE A 137 -0.77 -10.08 -4.20
C PHE A 137 0.60 -9.75 -3.60
N LEU A 138 1.28 -10.76 -3.09
CA LEU A 138 2.53 -10.51 -2.41
C LEU A 138 3.57 -9.95 -3.38
N CYS A 139 3.59 -10.47 -4.62
CA CYS A 139 4.49 -9.89 -5.66
C CYS A 139 4.12 -8.49 -6.02
N MET A 140 2.84 -8.24 -6.22
CA MET A 140 2.37 -6.90 -6.51
C MET A 140 2.72 -5.93 -5.37
N LYS A 141 2.58 -6.35 -4.12
CA LYS A 141 2.83 -5.46 -3.02
C LYS A 141 4.31 -5.05 -2.98
N ALA A 142 5.21 -6.00 -3.22
CA ALA A 142 6.64 -5.67 -3.35
C ALA A 142 6.88 -4.67 -4.47
N LEU A 143 6.26 -4.89 -5.63
CA LEU A 143 6.40 -4.00 -6.77
C LEU A 143 5.87 -2.60 -6.51
N LEU A 144 4.86 -2.50 -5.66
CA LEU A 144 4.33 -1.19 -5.26
C LEU A 144 5.36 -0.37 -4.47
N LEU A 145 6.16 -1.02 -3.63
CA LEU A 145 7.25 -0.33 -2.94
C LEU A 145 8.29 0.23 -3.90
N LEU A 146 8.36 -0.36 -5.09
CA LEU A 146 9.36 -0.02 -6.12
C LEU A 146 8.78 0.74 -7.31
N SER A 147 7.72 1.50 -7.08
CA SER A 147 6.94 2.06 -8.16
C SER A 147 6.76 3.59 -8.05
N THR A 148 7.39 4.20 -7.05
CA THR A 148 7.50 5.66 -6.98
C THR A 148 8.94 5.99 -6.65
N VAL A 149 9.62 6.70 -7.56
CA VAL A 149 11.05 6.99 -7.39
C VAL A 149 11.35 8.50 -7.56
N PRO A 150 12.52 8.94 -7.10
CA PRO A 150 12.87 10.34 -7.38
C PRO A 150 13.07 10.63 -8.86
N LYS A 151 12.56 11.77 -9.34
CA LYS A 151 12.80 12.20 -10.71
C LYS A 151 14.29 12.21 -11.05
N GLU A 152 15.11 12.53 -10.05
CA GLU A 152 16.55 12.67 -10.19
C GLU A 152 17.28 11.32 -10.26
N GLY A 153 16.57 10.25 -9.91
CA GLY A 153 17.14 8.92 -9.89
C GLY A 153 17.63 8.59 -8.51
N LEU A 154 17.84 7.29 -8.28
CA LEU A 154 18.31 6.78 -7.00
C LEU A 154 19.82 6.67 -7.01
N LYS A 155 20.42 6.63 -5.83
CA LYS A 155 21.85 6.42 -5.71
C LYS A 155 22.24 5.01 -6.19
N SER A 156 21.31 4.07 -6.06
CA SER A 156 21.57 2.69 -6.45
C SER A 156 20.70 2.28 -7.61
N GLN A 157 20.78 3.01 -8.71
CA GLN A 157 19.87 2.82 -9.82
C GLN A 157 19.98 1.43 -10.44
N ALA A 158 21.20 0.91 -10.62
CA ALA A 158 21.34 -0.42 -11.22
C ALA A 158 20.80 -1.49 -10.29
N SER A 159 21.13 -1.43 -9.01
CA SER A 159 20.60 -2.40 -8.08
C SER A 159 19.04 -2.36 -8.01
N PHE A 160 18.47 -1.15 -8.02
CA PHE A 160 17.03 -0.97 -7.98
C PHE A 160 16.37 -1.59 -9.20
N ASP A 161 16.91 -1.31 -10.40
CA ASP A 161 16.32 -1.82 -11.62
C ASP A 161 16.41 -3.33 -11.72
N GLU A 162 17.52 -3.91 -11.26
CA GLU A 162 17.60 -5.36 -11.24
C GLU A 162 16.55 -5.96 -10.29
N MET A 163 16.39 -5.35 -9.12
CA MET A 163 15.41 -5.81 -8.15
C MET A 163 13.98 -5.71 -8.72
N ARG A 164 13.67 -4.60 -9.35
CA ARG A 164 12.39 -4.44 -9.98
C ARG A 164 12.12 -5.50 -11.03
N MET A 165 13.11 -5.80 -11.89
CA MET A 165 12.95 -6.88 -12.87
C MET A 165 12.78 -8.24 -12.24
N ASN A 166 13.45 -8.52 -11.13
CA ASN A 166 13.25 -9.80 -10.47
C ASN A 166 11.83 -10.00 -9.90
N TYR A 167 11.24 -8.93 -9.36
CA TYR A 167 9.87 -9.02 -8.85
C TYR A 167 8.83 -9.10 -9.97
N ILE A 168 9.08 -8.45 -11.09
CA ILE A 168 8.22 -8.61 -12.24
C ILE A 168 8.27 -10.05 -12.78
N LYS A 169 9.47 -10.60 -12.93
CA LYS A 169 9.62 -12.02 -13.28
C LYS A 169 8.92 -12.92 -12.29
N GLU A 170 8.96 -12.61 -11.01
CA GLU A 170 8.27 -13.47 -10.06
C GLU A 170 6.73 -13.35 -10.17
N LEU A 171 6.23 -12.17 -10.45
CA LEU A 171 4.80 -12.03 -10.66
C LEU A 171 4.38 -12.89 -11.85
N ASN A 172 5.14 -12.85 -12.95
CA ASN A 172 4.83 -13.72 -14.08
C ASN A 172 4.95 -15.20 -13.73
N ARG A 173 5.88 -15.59 -12.86
CA ARG A 173 5.92 -16.98 -12.39
C ARG A 173 4.65 -17.33 -11.63
N ALA A 174 4.22 -16.47 -10.73
CA ALA A 174 3.02 -16.75 -9.95
C ALA A 174 1.80 -16.95 -10.85
N ILE A 175 1.67 -16.11 -11.89
CA ILE A 175 0.58 -16.20 -12.86
C ILE A 175 0.62 -17.55 -13.61
N ALA A 176 1.79 -17.96 -14.07
CA ALA A 176 1.89 -19.13 -14.94
C ALA A 176 1.63 -20.47 -14.21
N LYS A 177 1.68 -20.44 -12.88
CA LYS A 177 1.36 -21.60 -12.04
C LYS A 177 -0.04 -22.13 -12.22
N LYS A 178 -0.99 -21.27 -12.56
CA LYS A 178 -2.37 -21.71 -12.77
C LYS A 178 -2.49 -22.61 -14.01
N GLU A 179 -1.40 -22.66 -14.79
CA GLU A 179 -1.25 -23.57 -15.95
C GLU A 179 -2.14 -23.20 -17.14
N ASN A 180 -2.39 -21.92 -17.32
CA ASN A 180 -3.25 -21.46 -18.43
C ASN A 180 -2.39 -21.29 -19.66
N ASN A 181 -3.02 -20.99 -20.81
CA ASN A 181 -2.24 -20.77 -22.01
C ASN A 181 -1.51 -19.43 -21.91
N SER A 182 -0.60 -19.21 -22.84
CA SER A 182 0.25 -18.03 -22.79
C SER A 182 -0.52 -16.76 -22.97
N ALA A 183 -1.46 -16.76 -23.90
CA ALA A 183 -2.25 -15.58 -24.11
C ALA A 183 -3.03 -15.24 -22.82
N GLN A 184 -3.50 -16.24 -22.10
CA GLN A 184 -4.21 -15.95 -20.86
C GLN A 184 -3.30 -15.30 -19.82
N ASN A 185 -2.07 -15.77 -19.78
CA ASN A 185 -1.10 -15.19 -18.89
C ASN A 185 -0.81 -13.74 -19.22
N TRP A 186 -0.74 -13.41 -20.52
CA TRP A 186 -0.49 -12.03 -20.92
C TRP A 186 -1.60 -11.15 -20.42
N GLN A 187 -2.83 -11.62 -20.57
CA GLN A 187 -3.99 -10.87 -20.20
C GLN A 187 -3.98 -10.61 -18.69
N ARG A 188 -3.63 -11.64 -17.95
CA ARG A 188 -3.61 -11.58 -16.51
C ARG A 188 -2.56 -10.60 -16.03
N PHE A 189 -1.39 -10.64 -16.64
CA PHE A 189 -0.36 -9.68 -16.34
C PHE A 189 -0.82 -8.22 -16.62
N TYR A 190 -1.47 -8.03 -17.74
CA TYR A 190 -2.04 -6.75 -18.06
C TYR A 190 -3.04 -6.27 -17.00
N GLN A 191 -3.98 -7.12 -16.62
CA GLN A 191 -4.98 -6.76 -15.61
C GLN A 191 -4.40 -6.44 -14.23
N LEU A 192 -3.40 -7.22 -13.82
CA LEU A 192 -2.78 -7.04 -12.53
C LEU A 192 -1.98 -5.76 -12.54
N THR A 193 -1.30 -5.47 -13.65
CA THR A 193 -0.49 -4.26 -13.71
C THR A 193 -1.31 -2.99 -13.90
N LYS A 194 -2.49 -3.11 -14.50
CA LYS A 194 -3.47 -2.02 -14.48
C LYS A 194 -3.93 -1.72 -13.05
N LEU A 195 -4.15 -2.77 -12.27
CA LEU A 195 -4.57 -2.60 -10.89
C LEU A 195 -3.48 -1.83 -10.17
N LEU A 196 -2.22 -2.23 -10.33
CA LEU A 196 -1.11 -1.51 -9.70
C LEU A 196 -1.07 -0.05 -10.13
N ASP A 197 -1.19 0.20 -11.43
CA ASP A 197 -1.09 1.58 -11.91
C ASP A 197 -2.21 2.45 -11.32
N SER A 198 -3.34 1.84 -11.05
CA SER A 198 -4.49 2.58 -10.59
C SER A 198 -4.28 3.06 -9.15
N MET A 199 -3.34 2.46 -8.42
CA MET A 199 -3.02 2.93 -7.07
C MET A 199 -2.50 4.40 -7.02
N HIS A 200 -1.80 4.84 -8.04
CA HIS A 200 -1.21 6.17 -8.00
C HIS A 200 -2.23 7.31 -7.85
N ASP A 201 -3.30 7.25 -8.62
CA ASP A 201 -4.32 8.28 -8.54
C ASP A 201 -5.04 8.23 -7.21
N LEU A 202 -5.24 7.03 -6.69
CA LEU A 202 -5.93 6.89 -5.42
C LEU A 202 -5.08 7.50 -4.35
N VAL A 203 -3.79 7.17 -4.39
CA VAL A 203 -2.87 7.63 -3.37
C VAL A 203 -2.77 9.16 -3.36
N GLY A 204 -2.81 9.78 -4.54
CA GLY A 204 -2.74 11.23 -4.63
C GLY A 204 -3.90 11.89 -3.87
N GLY A 205 -5.08 11.31 -4.03
CA GLY A 205 -6.24 11.72 -3.28
C GLY A 205 -6.06 11.48 -1.78
N LEU A 206 -5.48 10.34 -1.39
CA LEU A 206 -5.35 10.01 0.00
C LEU A 206 -4.35 10.96 0.65
N LEU A 207 -3.29 11.26 -0.11
CA LEU A 207 -2.29 12.20 0.34
C LEU A 207 -2.87 13.60 0.53
N GLN A 208 -3.73 14.04 -0.36
CA GLN A 208 -4.29 15.38 -0.23
C GLN A 208 -5.07 15.55 1.09
N PHE A 209 -5.82 14.52 1.46
CA PHE A 209 -6.62 14.58 2.68
C PHE A 209 -5.70 14.51 3.89
N CYS A 210 -4.74 13.62 3.82
CA CYS A 210 -3.85 13.39 4.94
C CYS A 210 -3.03 14.66 5.26
N PHE A 211 -2.44 15.27 4.22
CA PHE A 211 -1.68 16.49 4.36
C PHE A 211 -2.53 17.64 4.91
N TYR A 212 -3.77 17.75 4.45
CA TYR A 212 -4.70 18.76 4.94
C TYR A 212 -4.98 18.58 6.43
N THR A 213 -5.33 17.34 6.79
CA THR A 213 -5.66 17.05 8.16
C THR A 213 -4.45 17.17 9.07
N PHE A 214 -3.27 16.86 8.53
CA PHE A 214 -2.00 17.06 9.24
C PHE A 214 -1.77 18.55 9.53
N VAL A 215 -1.85 19.40 8.50
CA VAL A 215 -1.61 20.84 8.70
C VAL A 215 -2.66 21.46 9.62
N GLN A 216 -3.90 20.99 9.55
CA GLN A 216 -4.97 21.48 10.39
C GLN A 216 -5.22 20.64 11.65
N SER A 217 -4.26 19.82 12.06
CA SER A 217 -4.55 18.80 13.08
C SER A 217 -5.08 19.38 14.40
N GLN A 218 -4.40 20.40 14.91
CA GLN A 218 -4.86 21.13 16.11
C GLN A 218 -6.28 21.62 16.03
N ALA A 219 -6.63 22.33 14.98
CA ALA A 219 -7.96 22.87 14.88
C ALA A 219 -8.98 21.75 14.73
N LEU A 220 -8.61 20.66 14.06
CA LEU A 220 -9.54 19.55 13.85
C LEU A 220 -9.55 18.57 15.02
N SER A 221 -8.60 18.72 15.94
CA SER A 221 -8.38 17.74 16.99
C SER A 221 -8.18 16.33 16.44
N VAL A 222 -7.34 16.19 15.40
CA VAL A 222 -7.02 14.86 14.87
C VAL A 222 -5.60 14.61 15.24
N GLU A 223 -5.39 13.60 16.09
CA GLU A 223 -4.07 13.25 16.53
C GLU A 223 -3.25 12.48 15.49
N PHE A 224 -2.00 12.90 15.25
CA PHE A 224 -1.00 12.15 14.50
C PHE A 224 0.12 11.71 15.44
N PRO A 225 0.32 10.38 15.61
CA PRO A 225 1.44 9.87 16.43
C PRO A 225 2.81 10.28 15.89
N GLU A 226 3.87 10.06 16.69
CA GLU A 226 5.22 10.56 16.38
C GLU A 226 5.86 10.08 15.07
N MET A 227 5.78 8.80 14.77
CA MET A 227 6.44 8.30 13.56
C MET A 227 5.71 8.72 12.29
N LEU A 228 4.40 8.84 12.40
CA LEU A 228 3.59 9.36 11.31
C LEU A 228 3.97 10.82 11.05
N VAL A 229 4.19 11.59 12.11
CA VAL A 229 4.53 12.97 11.96
C VAL A 229 5.85 13.06 11.22
N GLU A 230 6.81 12.24 11.62
CA GLU A 230 8.10 12.23 10.96
C GLU A 230 7.98 11.92 9.49
N ILE A 231 7.20 10.91 9.13
CA ILE A 231 7.25 10.50 7.75
C ILE A 231 6.46 11.51 6.86
N ILE A 232 5.33 12.02 7.36
CA ILE A 232 4.60 13.07 6.64
C ILE A 232 5.44 14.37 6.49
N SER A 233 6.05 14.82 7.58
CA SER A 233 6.91 16.03 7.55
C SER A 233 8.05 15.90 6.56
N ALA A 234 8.61 14.69 6.44
CA ALA A 234 9.64 14.40 5.45
C ALA A 234 9.08 14.40 4.02
N GLN A 235 7.93 13.74 3.84
CA GLN A 235 7.38 13.53 2.51
C GLN A 235 6.79 14.82 1.92
N LEU A 236 6.15 15.61 2.77
CA LEU A 236 5.32 16.74 2.31
C LEU A 236 6.08 17.73 1.44
N PRO A 237 7.25 18.18 1.89
CA PRO A 237 8.10 19.04 1.04
C PRO A 237 8.58 18.45 -0.28
N LYS A 238 8.89 17.17 -0.32
CA LYS A 238 9.33 16.56 -1.57
C LYS A 238 8.17 16.45 -2.58
N VAL A 239 6.99 16.16 -2.08
CA VAL A 239 5.83 16.04 -2.98
C VAL A 239 5.50 17.43 -3.54
N LEU A 240 5.59 18.43 -2.68
CA LEU A 240 5.33 19.79 -3.05
C LEU A 240 6.31 20.25 -4.09
N ALA A 241 7.56 19.85 -3.95
CA ALA A 241 8.56 20.24 -4.93
C ALA A 241 8.45 19.35 -6.16
N GLY A 242 7.55 18.37 -6.15
CA GLY A 242 7.36 17.49 -7.29
C GLY A 242 8.56 16.56 -7.54
N MET A 243 9.21 16.12 -6.47
CA MET A 243 10.40 15.29 -6.59
C MET A 243 10.13 13.83 -6.93
N ALA A 244 8.91 13.36 -6.75
CA ALA A 244 8.62 11.95 -6.97
C ALA A 244 7.94 11.79 -8.32
N LYS A 245 8.18 10.65 -8.97
CA LYS A 245 7.40 10.28 -10.14
C LYS A 245 6.95 8.80 -10.07
N PRO A 246 5.74 8.52 -10.55
CA PRO A 246 5.30 7.13 -10.63
C PRO A 246 6.03 6.36 -11.72
N LEU A 247 6.34 5.08 -11.51
CA LEU A 247 6.81 4.21 -12.59
C LEU A 247 5.58 3.42 -13.07
N LEU A 248 4.99 3.85 -14.18
CA LEU A 248 3.76 3.22 -14.69
C LEU A 248 4.08 2.07 -15.61
N PHE A 249 3.34 0.98 -15.51
CA PHE A 249 3.45 -0.08 -16.50
C PHE A 249 2.82 0.29 -17.85
N HIS A 250 1.76 1.07 -17.85
CA HIS A 250 1.03 1.42 -19.06
C HIS A 250 0.93 2.92 -19.22
N LYS A 251 1.23 3.42 -20.42
CA LYS A 251 1.16 4.85 -20.67
C LYS A 251 -0.28 5.32 -20.62
C1 STR B . -4.77 3.32 7.87
C2 STR B . -4.03 1.95 7.95
C3 STR B . -4.72 1.27 6.68
O3 STR B . -5.05 0.08 6.67
C4 STR B . -4.90 2.11 5.41
C5 STR B . -4.80 3.42 5.38
C6 STR B . -4.95 4.12 3.97
C7 STR B . -5.91 5.44 4.28
C8 STR B . -5.18 6.28 5.45
C9 STR B . -5.23 5.41 6.65
C10 STR B . -4.47 4.18 6.57
C11 STR B . -4.69 6.28 8.01
C12 STR B . -5.51 7.74 8.06
C13 STR B . -5.49 8.38 6.76
C14 STR B . -5.99 7.51 5.69
C15 STR B . -6.12 8.41 4.47
C16 STR B . -6.66 9.81 5.15
C17 STR B . -6.48 9.58 6.77
C18 STR B . -4.05 8.85 6.50
C19 STR B . -2.96 4.44 6.46
C20 STR B . -6.11 10.76 7.56
O20 STR B . -5.60 11.75 7.07
C21 STR B . -6.42 10.84 9.06
H11 STR B . -4.53 3.84 8.65
H12 STR B . -5.73 3.14 7.91
H21 STR B . -4.21 1.42 8.74
H22 STR B . -3.08 2.10 7.78
H4 STR B . -5.09 1.65 4.56
H61 STR B . -5.30 3.61 3.22
H62 STR B . -4.05 4.34 3.64
H71 STR B . -6.00 5.99 3.48
H72 STR B . -6.79 5.15 4.58
H8 STR B . -4.26 6.50 5.22
H9 STR B . -6.17 5.16 6.81
H111 STR B . -4.87 5.78 8.81
H112 STR B . -3.73 6.45 7.92
H121 STR B . -6.44 7.58 8.33
H122 STR B . -5.10 8.32 8.71
H14 STR B . -6.89 7.23 5.95
H151 STR B . -5.24 8.56 4.04
H152 STR B . -6.78 8.06 3.84
H161 STR B . -6.12 10.56 4.85
H162 STR B . -7.59 9.95 4.92
H17 STR B . -7.33 9.33 7.19
H181 STR B . -3.75 9.39 7.25
H182 STR B . -4.04 9.41 5.68
H183 STR B . -3.47 8.09 6.38
H191 STR B . -2.59 3.85 5.79
H192 STR B . -2.55 4.26 7.33
H193 STR B . -2.81 5.37 6.21
H211 STR B . -6.06 11.68 9.41
H212 STR B . -6.01 10.09 9.52
H213 STR B . -7.39 10.83 9.19
O30 486 C . 10.01 1.14 12.94
C2 486 C . 10.44 2.11 12.38
C1 486 C . 11.98 2.22 12.31
C3 486 C . 9.47 3.10 11.84
C4 486 C . 9.81 4.13 11.17
C7 486 C . 8.61 5.11 10.64
C5 486 C . 11.22 4.41 10.79
C6 486 C . 12.37 3.48 11.39
C10 486 C . 11.51 5.38 9.98
C14 486 C . 12.97 5.68 9.48
C18 486 C . 13.65 4.80 8.88
C22 486 C . 15.04 4.70 8.94
C23 486 C . 15.70 3.71 8.20
C24 486 C . 15.00 2.84 7.36
N27 486 C . 15.68 1.84 6.56
C29 486 C . 17.09 1.93 6.39
C28 486 C . 14.93 0.81 5.91
C25 486 C . 13.60 2.96 7.27
C26 486 C . 12.94 3.93 8.02
C13 486 C . 13.40 7.26 9.48
C12 486 C . 12.25 7.82 8.54
C19 486 C . 12.34 7.12 7.14
C17 486 C . 12.38 9.34 8.31
C31 486 C . 12.68 10.15 9.47
C30 486 C . 12.92 10.81 10.47
C32 486 C . 13.17 11.60 11.76
O3 486 C . 13.35 9.76 7.36
C16 486 C . 10.86 9.64 7.74
C15 486 C . 10.01 8.45 8.28
C11 486 C . 10.99 7.66 9.16
C9 486 C . 10.50 6.29 9.38
C8 486 C . 9.28 6.49 10.32
HC1A 486 C . 12.39 1.46 11.83
HC12 486 C . 12.31 2.30 13.23
HC3 486 C . 8.52 2.97 12.04
HC71 486 C . 7.87 5.31 11.27
HC72 486 C . 8.25 4.66 9.84
HC61 486 C . 12.98 4.01 11.95
HC62 486 C . 12.91 3.17 10.62
HC14 486 C . 13.49 5.37 10.27
HC22 486 C . 15.54 5.30 9.53
HC23 486 C . 16.68 3.63 8.25
H291 486 C . 17.52 1.76 7.25
H292 486 C . 17.32 2.83 6.06
H293 486 C . 17.37 1.26 5.74
H281 486 C . 14.27 1.20 5.29
H282 486 C . 14.46 0.27 6.59
H283 486 C . 15.54 0.23 5.41
HC25 486 C . 13.09 2.35 6.68
HC26 486 C . 11.95 4.01 7.95
H131 486 C . 13.35 7.64 10.38
H132 486 C . 14.29 7.39 9.07
H191 486 C . 11.78 6.30 7.15
H192 486 C . 13.28 6.88 6.95
H193 486 C . 12.01 7.73 6.44
H321 486 C . 13.99 11.26 12.20
H322 486 C . 12.40 11.49 12.37
H323 486 C . 13.28 12.55 11.55
HO3 486 C . 13.67 10.55 7.59
H161 486 C . 10.52 10.49 8.08
H162 486 C . 10.86 9.64 6.77
H151 486 C . 9.26 8.78 8.81
H152 486 C . 9.68 7.90 7.55
HC11 486 C . 11.03 8.09 10.04
HC9 486 C . 10.20 5.92 8.54
HC81 486 C . 8.62 7.08 9.86
HC82 486 C . 9.57 6.92 11.16
O30 486 D . -10.40 14.42 -0.67
C2 486 D . -10.72 15.30 0.08
C1 486 D . -12.11 15.20 0.73
C3 486 D . -9.71 16.34 0.35
C4 486 D . -9.98 17.42 0.99
C7 486 D . -8.70 18.43 1.19
C5 486 D . -11.29 17.68 1.59
C6 486 D . -12.43 16.58 1.45
C10 486 D . -11.49 18.76 2.27
C14 486 D . -12.77 19.08 3.09
C18 486 D . -12.80 18.60 4.26
C22 486 D . -13.91 18.71 5.12
C23 486 D . -13.85 18.25 6.46
C24 486 D . -12.68 17.69 6.99
N27 486 D . -12.60 17.23 8.36
C29 486 D . -13.67 17.50 9.24
C28 486 D . -11.42 16.53 8.82
C25 486 D . -11.55 17.62 6.17
C26 486 D . -11.62 18.08 4.84
C13 486 D . -13.46 20.49 2.71
C12 486 D . -12.24 21.50 2.92
C19 486 D . -11.98 21.60 4.46
C17 486 D . -12.59 22.91 2.40
C31 486 D . -13.22 22.97 1.10
C30 486 D . -13.78 22.94 0.02
C32 486 D . -14.49 22.83 -1.33
O3 486 D . -13.48 23.61 3.26
C16 486 D . -11.09 23.57 2.34
C15 486 D . -10.15 22.34 2.16
C11 486 D . -11.14 21.13 2.12
C9 486 D . -10.48 19.86 2.47
C8 486 D . -9.24 19.85 1.55
HC1A 486 D . -12.14 14.55 1.45
HC12 486 D . -12.75 14.99 0.01
HC3 486 D . -8.81 16.23 -0.01
HC71 486 D . -8.10 18.56 0.42
HC72 486 D . -8.19 18.02 1.93
HC61 486 D . -13.19 16.96 0.96
HC62 486 D . -12.76 16.41 2.37
HC14 486 D . -13.43 18.40 2.79
HC22 486 D . -14.73 19.09 4.78
HC23 486 D . -14.65 18.31 7.02
H291 486 D . -13.86 18.45 9.23
H292 486 D . -13.42 17.21 10.15
H293 486 D . -14.46 17.00 8.95
H281 486 D . -10.64 17.10 8.73
H282 486 D . -11.31 15.71 8.29
H283 486 D . -11.54 16.29 9.77
HC25 486 D . -10.71 17.23 6.52
HC26 486 D . -10.81 18.02 4.28
H131 486 D . -13.77 20.50 1.78
H132 486 D . -14.20 20.71 3.33
H191 486 D . -11.40 20.86 4.75
H192 486 D . -12.83 21.56 4.94
H193 486 D . -11.53 22.46 4.66
H321 486 D . -14.05 23.43 -1.98
H322 486 D . -15.43 23.09 -1.22
H323 486 D . -14.43 21.91 -1.64
HO3 486 D . -13.03 23.93 3.95
H161 486 D . -11.02 24.16 1.56
H162 486 D . -10.89 24.05 3.16
H151 486 D . -9.65 22.41 1.33
H152 486 D . -9.55 22.28 2.92
HC11 486 D . -11.45 21.04 1.20
HC9 486 D . -10.20 19.88 3.40
HC81 486 D . -8.52 20.35 2.01
HC82 486 D . -9.46 20.33 0.71
S SO4 E . 7.58 -22.36 -5.74
O1 SO4 E . 7.14 -21.45 -6.79
O2 SO4 E . 8.88 -22.95 -6.11
O3 SO4 E . 7.73 -21.61 -4.51
O4 SO4 E . 6.56 -23.40 -5.58
S SO4 F . -5.31 -18.25 -2.61
O1 SO4 F . -5.28 -19.18 -3.75
O2 SO4 F . -4.52 -17.09 -2.99
O3 SO4 F . -6.68 -17.81 -2.34
O4 SO4 F . -4.70 -18.83 -1.40
C1 GOL G . 0.19 -4.24 7.36
O1 GOL G . 1.09 -4.60 8.40
C2 GOL G . 1.00 -3.85 6.12
O2 GOL G . 1.48 -4.99 5.43
C3 GOL G . 0.15 -2.98 5.17
O3 GOL G . 0.79 -2.95 3.90
H11 GOL G . -0.47 -5.08 7.12
H12 GOL G . -0.43 -3.40 7.69
HO1 GOL G . 0.59 -4.80 9.22
H2 GOL G . 1.84 -3.25 6.45
HO2 GOL G . 0.72 -5.51 5.09
H31 GOL G . -0.85 -3.40 5.08
H32 GOL G . 0.07 -1.96 5.57
HO3 GOL G . 0.40 -2.25 3.35
#